data_7OQO
#
_entry.id   7OQO
#
_cell.length_a   63.760
_cell.length_b   63.760
_cell.length_c   224.120
_cell.angle_alpha   90.000
_cell.angle_beta   90.000
_cell.angle_gamma   120.000
#
_symmetry.space_group_name_H-M   'P 32 2 1'
#
loop_
_entity.id
_entity.type
_entity.pdbx_description
1 polymer 'N6-adenosine-methyltransferase catalytic subunit'
2 polymer 'N6-adenosine-methyltransferase non-catalytic subunit'
3 non-polymer 2-oxidanyl-N-[[(3R)-3-oxidanyl-1-(7H-pyrrolo[2,3-d]pyrimidin-4-yl)piperidin-3-yl]methyl]-4-[[(3S)-3-propan-2-yl-2-azaspiro[3.3]heptan-2-yl]methyl]benzamide
4 non-polymer 'ACETATE ION'
5 water water
#
loop_
_entity_poly.entity_id
_entity_poly.type
_entity_poly.pdbx_seq_one_letter_code
_entity_poly.pdbx_strand_id
1 'polypeptide(L)'
;MGHHHHHHSSGRENLYFQGALTQSVGGDSSADRLFPPQWICCDIRYLDVSILGKFAVVMADPPWDIHMELPYGTLTDDEM
RRLNIPVLQDDGFLFLWVTGRAMELGRECLNLWGYERVDEIIWVKTNQLQRIIRTGRTGHWLNHGKEHCLVGVKGNPQGF
NQGLDCDVIVAEVRSTSHKPDEIYGMIERLSPGTRKIELFGRPHNVQPNWITLGNQLDGIHLLDPDVVARFKQRYPDGII
SKPKNL
;
A
2 'polypeptide(L)'
;MLKGTQSLNPHNDYCQHFVDTGHRPQNFIRDVGLADRFEEYPKLRELIRLKDELIAKSNTPPMYLQADIEAFDIRELTPK
FDVILLEPPLEEYYRETGITANEKCWTWDDIMKLEIDEIAAPRSFIFLWCGSGEGLDLGRVCLRKWGYRRCEDICWIKTN
KNNPGKTKTLDPKAVFQRTKEHCLMGIKGTVKRSTDGDFIHANVDIDLIITEEPEIGNIEKPVEIFHIIEHFCLGRRRLH
LFGRDSTIRPGWLTVGPTLTNSNYNAETYASYFSAPNSYLTGCTEEIERL
;
B
#
loop_
_chem_comp.id
_chem_comp.type
_chem_comp.name
_chem_comp.formula
0BA non-polymer 2-oxidanyl-N-[[(3R)-3-oxidanyl-1-(7H-pyrrolo[2,3-d]pyrimidin-4-yl)piperidin-3-yl]methyl]-4-[[(3S)-3-propan-2-yl-2-azaspiro[3.3]heptan-2-yl]methyl]benzamide 'C29 H38 N6 O3'
ACT non-polymer 'ACETATE ION' 'C2 H3 O2 -1'
#
# COMPACT_ATOMS: atom_id res chain seq x y z
N LEU A 34 -30.42 6.24 15.83
CA LEU A 34 -30.00 6.59 17.18
C LEU A 34 -28.48 6.87 17.30
N PHE A 35 -28.12 8.17 17.34
CA PHE A 35 -26.77 8.71 17.38
C PHE A 35 -25.74 8.01 18.30
N PRO A 36 -26.09 7.49 19.49
CA PRO A 36 -25.06 6.96 20.40
C PRO A 36 -24.58 5.58 19.98
N PRO A 37 -23.53 5.05 20.64
CA PRO A 37 -22.98 3.75 20.24
C PRO A 37 -23.96 2.62 20.42
N GLN A 38 -23.79 1.59 19.59
CA GLN A 38 -24.47 0.32 19.79
C GLN A 38 -23.52 -0.82 19.42
N TRP A 39 -23.67 -1.93 20.12
CA TRP A 39 -22.78 -3.05 19.84
C TRP A 39 -23.51 -4.37 20.06
N ILE A 40 -22.93 -5.42 19.49
CA ILE A 40 -23.48 -6.78 19.46
C ILE A 40 -22.34 -7.78 19.58
N CYS A 41 -22.11 -8.28 20.79
CA CYS A 41 -21.20 -9.41 20.93
C CYS A 41 -21.82 -10.61 20.23
N CYS A 42 -21.05 -11.25 19.36
CA CYS A 42 -21.59 -12.37 18.61
C CYS A 42 -20.49 -13.02 17.80
N ASP A 43 -20.86 -13.80 16.79
CA ASP A 43 -19.91 -14.28 15.80
C ASP A 43 -20.37 -13.75 14.45
N ILE A 44 -19.58 -12.84 13.91
CA ILE A 44 -19.93 -12.25 12.62
C ILE A 44 -20.08 -13.30 11.52
N ARG A 45 -19.76 -14.58 11.78
CA ARG A 45 -20.02 -15.60 10.78
C ARG A 45 -21.44 -16.15 10.86
N TYR A 46 -22.21 -15.84 11.90
CA TYR A 46 -23.54 -16.45 12.06
C TYR A 46 -24.64 -15.42 12.27
N LEU A 47 -24.31 -14.20 12.65
CA LEU A 47 -25.30 -13.16 12.82
C LEU A 47 -25.98 -12.81 11.50
N ASP A 48 -27.31 -12.90 11.47
CA ASP A 48 -28.09 -12.42 10.33
C ASP A 48 -27.94 -10.92 10.15
N VAL A 49 -26.79 -10.51 9.61
CA VAL A 49 -26.47 -9.10 9.49
C VAL A 49 -27.48 -8.32 8.68
N SER A 50 -28.42 -9.00 8.00
CA SER A 50 -29.48 -8.29 7.29
C SER A 50 -30.25 -7.40 8.25
N ILE A 51 -30.47 -7.87 9.49
CA ILE A 51 -31.26 -7.12 10.48
C ILE A 51 -30.66 -5.75 10.74
N LEU A 52 -29.42 -5.54 10.36
CA LEU A 52 -28.73 -4.29 10.62
C LEU A 52 -29.00 -3.24 9.56
N GLY A 53 -29.56 -3.60 8.40
CA GLY A 53 -29.90 -2.58 7.44
C GLY A 53 -28.77 -2.14 6.52
N LYS A 54 -28.72 -0.86 6.18
CA LYS A 54 -27.79 -0.32 5.20
C LYS A 54 -26.90 0.73 5.86
N PHE A 55 -25.63 0.81 5.43
CA PHE A 55 -24.66 1.72 6.05
C PHE A 55 -23.85 2.47 5.03
N ALA A 56 -23.52 3.71 5.37
CA ALA A 56 -22.80 4.55 4.45
C ALA A 56 -21.33 4.18 4.38
N VAL A 57 -20.79 3.72 5.51
CA VAL A 57 -19.39 3.36 5.65
C VAL A 57 -19.37 2.02 6.34
N VAL A 58 -18.49 1.15 5.89
CA VAL A 58 -18.23 -0.10 6.58
C VAL A 58 -16.74 -0.15 6.82
N MET A 59 -16.35 -0.58 8.02
CA MET A 59 -14.94 -0.74 8.33
C MET A 59 -14.74 -2.07 9.01
N ALA A 60 -13.67 -2.75 8.64
CA ALA A 60 -13.37 -4.03 9.25
C ALA A 60 -11.89 -4.15 9.50
N ASP A 61 -11.55 -4.58 10.71
CA ASP A 61 -10.17 -4.84 11.12
C ASP A 61 -10.06 -6.34 11.38
N PRO A 62 -10.09 -7.15 10.32
CA PRO A 62 -10.36 -8.57 10.50
C PRO A 62 -9.13 -9.32 10.99
N PRO A 63 -9.33 -10.46 11.69
CA PRO A 63 -8.26 -11.34 12.21
C PRO A 63 -7.78 -12.37 11.18
N TRP A 64 -6.92 -11.91 10.30
CA TRP A 64 -6.54 -12.71 9.14
C TRP A 64 -5.68 -13.87 9.57
N ASP A 65 -5.85 -15.00 8.92
CA ASP A 65 -4.94 -16.11 9.22
C ASP A 65 -3.58 -15.75 8.64
N ILE A 66 -2.68 -15.28 9.48
CA ILE A 66 -1.34 -15.00 8.97
C ILE A 66 -0.27 -15.67 9.85
CA GLY A 73 -9.29 -15.83 17.03
C GLY A 73 -9.41 -15.62 15.52
N THR A 74 -8.77 -16.50 14.76
CA THR A 74 -8.63 -16.39 13.33
C THR A 74 -9.87 -16.85 12.56
N LEU A 75 -10.13 -16.19 11.43
CA LEU A 75 -11.02 -16.68 10.39
C LEU A 75 -10.20 -17.22 9.25
N THR A 76 -10.67 -18.31 8.66
CA THR A 76 -10.01 -18.84 7.48
C THR A 76 -10.38 -18.01 6.27
N ASP A 77 -9.55 -18.09 5.24
CA ASP A 77 -9.72 -17.23 4.08
C ASP A 77 -11.08 -17.42 3.41
N ASP A 78 -11.62 -18.64 3.42
CA ASP A 78 -12.96 -18.82 2.85
C ASP A 78 -14.02 -18.15 3.71
N GLU A 79 -13.94 -18.29 5.04
CA GLU A 79 -14.86 -17.58 5.91
C GLU A 79 -14.83 -16.09 5.57
N MET A 80 -13.63 -15.53 5.44
CA MET A 80 -13.48 -14.17 4.99
C MET A 80 -14.19 -13.96 3.66
N ARG A 81 -13.87 -14.77 2.65
CA ARG A 81 -14.60 -14.67 1.39
C ARG A 81 -16.10 -14.79 1.61
N ARG A 82 -16.51 -15.68 2.50
CA ARG A 82 -17.92 -15.99 2.64
C ARG A 82 -18.69 -14.98 3.48
N LEU A 83 -18.04 -13.96 4.06
CA LEU A 83 -18.78 -13.00 4.88
C LEU A 83 -19.80 -12.24 4.05
N ASN A 84 -20.94 -11.95 4.66
CA ASN A 84 -22.01 -11.26 3.98
C ASN A 84 -21.82 -9.74 4.10
N ILE A 85 -20.74 -9.26 3.50
CA ILE A 85 -20.60 -7.82 3.29
C ILE A 85 -21.67 -7.27 2.36
N PRO A 86 -22.10 -7.94 1.28
CA PRO A 86 -22.86 -7.22 0.25
C PRO A 86 -24.21 -6.76 0.70
N VAL A 87 -24.72 -7.27 1.82
CA VAL A 87 -26.03 -6.82 2.24
C VAL A 87 -25.93 -5.43 2.85
N LEU A 88 -24.79 -5.12 3.47
CA LEU A 88 -24.69 -3.95 4.34
C LEU A 88 -24.76 -2.65 3.55
N GLN A 89 -24.40 -2.63 2.28
CA GLN A 89 -24.34 -1.37 1.57
C GLN A 89 -25.09 -1.44 0.25
N ASP A 90 -25.73 -0.33 -0.12
CA ASP A 90 -26.21 -0.16 -1.49
C ASP A 90 -25.32 0.84 -2.22
N ASP A 91 -25.16 2.03 -1.68
CA ASP A 91 -24.08 2.91 -2.06
C ASP A 91 -23.24 3.14 -0.81
N GLY A 92 -21.93 3.26 -0.96
CA GLY A 92 -21.11 3.60 0.18
C GLY A 92 -19.72 3.00 0.11
N PHE A 93 -18.97 3.26 1.19
CA PHE A 93 -17.54 3.05 1.28
C PHE A 93 -17.23 1.97 2.30
N LEU A 94 -16.10 1.30 2.08
CA LEU A 94 -15.64 0.20 2.91
C LEU A 94 -14.19 0.42 3.27
N PHE A 95 -13.84 0.29 4.55
CA PHE A 95 -12.48 0.46 5.02
C PHE A 95 -11.99 -0.85 5.60
N LEU A 96 -10.92 -1.41 5.03
CA LEU A 96 -10.49 -2.78 5.33
C LEU A 96 -9.01 -2.83 5.71
N TRP A 97 -8.73 -3.09 6.98
CA TRP A 97 -7.36 -3.16 7.44
C TRP A 97 -6.68 -4.44 7.01
N VAL A 98 -5.43 -4.33 6.58
CA VAL A 98 -4.69 -5.45 6.03
C VAL A 98 -3.27 -5.49 6.59
N THR A 99 -2.67 -6.66 6.54
CA THR A 99 -1.29 -6.82 6.94
C THR A 99 -0.72 -8.00 6.17
N GLY A 100 0.59 -7.93 5.92
CA GLY A 100 1.28 -9.02 5.27
C GLY A 100 0.61 -9.49 4.00
N ARG A 101 0.02 -10.70 4.05
CA ARG A 101 -0.56 -11.27 2.85
C ARG A 101 -2.05 -11.03 2.73
N ALA A 102 -2.69 -10.50 3.77
CA ALA A 102 -4.04 -10.01 3.58
C ALA A 102 -4.06 -8.89 2.55
N MET A 103 -2.93 -8.21 2.36
CA MET A 103 -2.84 -7.15 1.36
C MET A 103 -3.44 -7.60 0.03
N GLU A 104 -3.24 -8.87 -0.34
CA GLU A 104 -3.76 -9.39 -1.59
C GLU A 104 -5.13 -10.02 -1.41
N LEU A 105 -5.26 -10.89 -0.41
CA LEU A 105 -6.56 -11.47 -0.10
C LEU A 105 -7.59 -10.37 0.17
N GLY A 106 -7.25 -9.40 1.01
CA GLY A 106 -8.16 -8.30 1.27
C GLY A 106 -8.57 -7.59 0.01
N ARG A 107 -7.65 -7.46 -0.95
CA ARG A 107 -8.04 -6.93 -2.25
C ARG A 107 -9.00 -7.86 -2.97
N GLU A 108 -8.83 -9.17 -2.79
CA GLU A 108 -9.80 -10.13 -3.30
C GLU A 108 -11.14 -9.91 -2.62
N CYS A 109 -11.21 -10.15 -1.30
CA CYS A 109 -12.48 -10.01 -0.59
C CYS A 109 -13.14 -8.69 -0.93
N LEU A 110 -12.38 -7.61 -0.93
CA LEU A 110 -12.89 -6.32 -1.36
C LEU A 110 -13.56 -6.43 -2.72
N ASN A 111 -12.83 -6.91 -3.73
CA ASN A 111 -13.42 -7.07 -5.05
C ASN A 111 -14.56 -8.08 -5.03
N LEU A 112 -14.38 -9.19 -4.31
CA LEU A 112 -15.42 -10.22 -4.30
C LEU A 112 -16.72 -9.68 -3.75
N TRP A 113 -16.67 -8.88 -2.67
CA TRP A 113 -17.88 -8.32 -2.11
C TRP A 113 -18.49 -7.23 -2.97
N GLY A 114 -17.78 -6.79 -4.01
CA GLY A 114 -18.31 -5.86 -4.98
C GLY A 114 -17.84 -4.43 -4.91
N TYR A 115 -16.71 -4.17 -4.24
CA TYR A 115 -16.17 -2.81 -4.17
C TYR A 115 -14.99 -2.69 -5.12
N GLU A 116 -14.74 -1.47 -5.56
CA GLU A 116 -13.51 -1.12 -6.28
C GLU A 116 -12.59 -0.43 -5.30
N ARG A 117 -11.33 -0.88 -5.18
CA ARG A 117 -10.41 -0.18 -4.31
C ARG A 117 -10.00 1.14 -4.93
N VAL A 118 -10.34 2.25 -4.29
CA VAL A 118 -10.06 3.58 -4.81
C VAL A 118 -8.92 4.25 -4.04
N ASP A 119 -8.96 4.20 -2.72
CA ASP A 119 -7.82 4.66 -1.95
C ASP A 119 -7.25 3.57 -1.08
N GLU A 120 -5.96 3.71 -0.79
CA GLU A 120 -5.29 2.99 0.27
C GLU A 120 -4.82 4.05 1.27
N ILE A 121 -5.05 3.79 2.55
CA ILE A 121 -4.63 4.66 3.64
C ILE A 121 -3.45 4.00 4.33
N ILE A 122 -2.50 4.82 4.77
CA ILE A 122 -1.32 4.39 5.48
C ILE A 122 -1.42 4.98 6.88
N TRP A 123 -1.09 4.17 7.89
CA TRP A 123 -0.91 4.67 9.25
C TRP A 123 0.57 4.67 9.59
N VAL A 124 1.11 5.83 9.95
CA VAL A 124 2.49 5.93 10.37
C VAL A 124 2.54 5.90 11.89
N LYS A 125 3.13 4.83 12.41
CA LYS A 125 3.16 4.48 13.82
C LYS A 125 4.29 5.23 14.51
N THR A 126 3.95 6.19 15.37
CA THR A 126 4.94 6.99 16.08
C THR A 126 4.82 6.80 17.59
N ASN A 127 5.81 7.35 18.30
CA ASN A 127 5.92 7.33 19.75
C ASN A 127 5.48 8.67 20.35
N GLN A 128 5.78 8.87 21.63
CA GLN A 128 5.29 10.04 22.34
C GLN A 128 6.03 11.31 21.96
N LEU A 129 6.97 11.24 21.02
CA LEU A 129 7.76 12.40 20.61
C LEU A 129 7.84 12.52 19.10
N GLN A 130 6.99 11.80 18.36
CA GLN A 130 6.85 11.91 16.90
C GLN A 130 8.11 11.42 16.18
N ARG A 131 8.46 10.16 16.46
CA ARG A 131 9.50 9.42 15.76
C ARG A 131 8.95 8.02 15.43
N ILE A 132 9.60 7.32 14.53
CA ILE A 132 9.00 6.16 13.88
C ILE A 132 9.33 4.89 14.67
N ILE A 133 8.35 4.34 15.38
CA ILE A 133 8.51 3.07 16.06
C ILE A 133 8.93 1.99 15.06
N HIS A 140 9.84 -9.28 8.02
CA HIS A 140 10.25 -10.13 6.92
C HIS A 140 11.60 -9.68 6.36
N TRP A 141 11.56 -8.83 5.34
CA TRP A 141 12.74 -8.24 4.71
C TRP A 141 13.06 -6.84 5.21
N LEU A 142 12.04 -6.12 5.68
CA LEU A 142 12.17 -4.79 6.26
C LEU A 142 11.49 -4.74 7.63
N ASN A 143 11.87 -3.71 8.40
CA ASN A 143 11.15 -3.38 9.62
C ASN A 143 9.98 -2.49 9.22
N HIS A 144 8.85 -2.67 9.88
CA HIS A 144 7.60 -2.08 9.39
C HIS A 144 7.23 -0.87 10.24
N GLY A 145 7.14 0.28 9.59
CA GLY A 145 6.79 1.51 10.25
C GLY A 145 5.36 1.93 10.05
N LYS A 146 4.56 1.12 9.36
CA LYS A 146 3.21 1.51 9.01
C LYS A 146 2.31 0.29 9.03
N GLU A 147 1.01 0.54 9.10
CA GLU A 147 -0.03 -0.40 8.73
C GLU A 147 -0.91 0.19 7.63
N HIS A 148 -1.65 -0.69 6.97
CA HIS A 148 -2.37 -0.38 5.73
C HIS A 148 -3.88 -0.48 5.93
N CYS A 149 -4.64 0.32 5.17
CA CYS A 149 -6.09 0.26 5.21
C CYS A 149 -6.66 0.50 3.83
N LEU A 150 -7.17 -0.54 3.19
CA LEU A 150 -7.82 -0.40 1.89
C LEU A 150 -9.13 0.37 2.00
N VAL A 151 -9.47 1.12 0.94
CA VAL A 151 -10.74 1.84 0.88
C VAL A 151 -11.48 1.51 -0.42
N GLY A 152 -12.68 0.95 -0.28
CA GLY A 152 -13.45 0.53 -1.44
C GLY A 152 -14.75 1.28 -1.57
N VAL A 153 -15.32 1.24 -2.76
CA VAL A 153 -16.50 2.04 -3.07
C VAL A 153 -17.52 1.17 -3.81
N LYS A 154 -18.78 1.31 -3.41
CA LYS A 154 -19.86 0.50 -3.92
C LYS A 154 -20.97 1.41 -4.43
N GLY A 155 -21.42 1.15 -5.64
CA GLY A 155 -22.51 1.92 -6.20
C GLY A 155 -22.06 3.31 -6.61
N ASN A 156 -23.01 4.25 -6.49
CA ASN A 156 -22.81 5.65 -6.86
C ASN A 156 -23.06 6.48 -5.59
N PRO A 157 -22.16 6.41 -4.62
CA PRO A 157 -22.38 7.12 -3.37
C PRO A 157 -22.32 8.62 -3.61
N GLN A 158 -23.14 9.37 -2.86
CA GLN A 158 -23.22 10.81 -3.09
C GLN A 158 -23.45 11.53 -1.78
N GLY A 159 -23.10 12.81 -1.77
CA GLY A 159 -23.17 13.61 -0.57
C GLY A 159 -21.89 13.61 0.23
N PHE A 160 -20.88 12.90 -0.24
CA PHE A 160 -19.69 12.69 0.53
C PHE A 160 -18.74 13.85 0.32
N ASN A 161 -17.83 13.99 1.26
CA ASN A 161 -16.82 15.04 1.21
C ASN A 161 -15.49 14.42 0.81
N GLN A 162 -15.45 13.94 -0.43
CA GLN A 162 -14.20 13.41 -0.97
C GLN A 162 -13.14 14.49 -0.90
N GLY A 163 -11.93 14.11 -0.54
CA GLY A 163 -10.81 15.02 -0.51
C GLY A 163 -10.55 15.77 0.79
N LEU A 164 -11.34 15.55 1.83
CA LEU A 164 -11.14 16.33 3.04
C LEU A 164 -9.83 16.00 3.72
N ASP A 165 -9.47 14.72 3.82
CA ASP A 165 -8.24 14.34 4.48
C ASP A 165 -7.27 13.72 3.49
N CYS A 166 -6.08 13.40 3.97
CA CYS A 166 -5.08 12.85 3.06
C CYS A 166 -4.70 11.46 3.52
N ASP A 167 -4.38 10.63 2.54
CA ASP A 167 -4.25 9.19 2.68
C ASP A 167 -3.06 8.76 3.56
N VAL A 168 -2.55 9.65 4.40
CA VAL A 168 -1.57 9.28 5.41
C VAL A 168 -2.07 9.65 6.80
N ILE A 169 -1.83 8.78 7.77
CA ILE A 169 -2.22 9.01 9.16
C ILE A 169 -0.97 8.96 10.02
N VAL A 170 -0.85 9.91 10.94
CA VAL A 170 0.20 9.91 11.93
C VAL A 170 -0.44 10.09 13.30
N ALA A 171 -0.20 9.12 14.18
CA ALA A 171 -0.67 9.19 15.55
C ALA A 171 0.07 8.14 16.35
N GLU A 172 0.02 8.32 17.67
CA GLU A 172 0.82 7.53 18.58
C GLU A 172 0.30 6.09 18.61
N VAL A 173 1.22 5.14 18.78
CA VAL A 173 0.86 3.72 18.90
C VAL A 173 0.28 3.44 20.28
N ARG A 174 -0.99 3.77 20.49
CA ARG A 174 -1.64 3.47 21.76
C ARG A 174 -1.95 1.98 21.83
N SER A 175 -1.53 1.32 22.91
CA SER A 175 -1.78 -0.10 23.13
C SER A 175 -1.25 -0.96 21.98
N THR A 176 -1.56 -2.25 21.98
CA THR A 176 -1.21 -3.13 20.87
C THR A 176 -2.49 -3.56 20.16
N SER A 177 -2.36 -3.87 18.87
CA SER A 177 -3.46 -4.32 18.02
C SER A 177 -4.51 -3.24 17.78
N HIS A 178 -4.28 -2.04 18.28
CA HIS A 178 -5.27 -0.97 18.24
C HIS A 178 -5.14 -0.19 16.94
N LYS A 179 -6.21 0.26 16.45
CA LYS A 179 -6.08 1.23 15.38
C LYS A 179 -6.43 2.62 15.88
N PRO A 180 -5.89 3.67 15.28
CA PRO A 180 -5.97 4.99 15.92
C PRO A 180 -7.34 5.61 15.74
N ASP A 181 -7.80 6.26 16.82
CA ASP A 181 -9.06 6.98 16.84
C ASP A 181 -9.16 8.00 15.71
N GLU A 182 -8.03 8.31 15.08
CA GLU A 182 -8.04 9.31 14.02
C GLU A 182 -8.85 8.86 12.80
N ILE A 183 -8.99 7.54 12.59
CA ILE A 183 -9.78 7.03 11.46
C ILE A 183 -11.26 7.38 11.63
N TYR A 184 -11.74 7.47 12.86
CA TYR A 184 -13.11 7.90 13.09
C TYR A 184 -13.27 9.38 12.78
N GLY A 185 -12.20 10.15 12.91
CA GLY A 185 -12.24 11.53 12.47
C GLY A 185 -12.43 11.58 10.98
N MET A 186 -11.46 10.98 10.27
CA MET A 186 -11.47 10.97 8.81
C MET A 186 -12.81 10.51 8.25
N ILE A 187 -13.36 9.42 8.81
CA ILE A 187 -14.60 8.86 8.29
C ILE A 187 -15.80 9.74 8.62
N GLU A 188 -15.79 10.43 9.77
CA GLU A 188 -16.88 11.34 10.09
C GLU A 188 -16.94 12.48 9.07
N ARG A 189 -15.82 13.15 8.85
CA ARG A 189 -15.79 14.26 7.91
C ARG A 189 -16.19 13.82 6.51
N LEU A 190 -15.99 12.56 6.17
CA LEU A 190 -16.30 12.15 4.79
C LEU A 190 -17.79 11.94 4.58
N SER A 191 -18.44 11.22 5.49
CA SER A 191 -19.88 10.99 5.44
C SER A 191 -20.43 11.32 6.82
N PRO A 192 -20.58 12.60 7.14
CA PRO A 192 -21.04 12.98 8.47
C PRO A 192 -22.50 12.62 8.68
N GLY A 193 -22.80 12.20 9.91
CA GLY A 193 -24.15 11.95 10.36
C GLY A 193 -24.70 10.57 10.08
N THR A 194 -24.08 9.82 9.19
CA THR A 194 -24.66 8.66 8.51
C THR A 194 -24.39 7.35 9.24
N ARG A 195 -25.14 6.31 8.87
CA ARG A 195 -24.98 5.02 9.54
C ARG A 195 -23.64 4.39 9.19
N LYS A 196 -22.91 3.96 10.21
CA LYS A 196 -21.61 3.33 10.02
C LYS A 196 -21.56 2.04 10.84
N ILE A 197 -20.96 1.00 10.29
CA ILE A 197 -20.89 -0.27 10.98
C ILE A 197 -19.46 -0.78 10.98
N GLU A 198 -18.96 -1.17 12.15
CA GLU A 198 -17.64 -1.75 12.26
C GLU A 198 -17.73 -3.25 12.57
N LEU A 199 -16.79 -3.99 12.01
CA LEU A 199 -16.70 -5.43 12.14
C LEU A 199 -15.40 -5.84 12.79
N PHE A 200 -15.49 -6.78 13.72
CA PHE A 200 -14.37 -7.22 14.51
C PHE A 200 -13.84 -6.10 15.39
N GLY A 201 -14.74 -5.21 15.78
CA GLY A 201 -14.41 -4.21 16.76
C GLY A 201 -14.20 -4.83 18.12
N ARG A 202 -13.48 -4.11 18.94
CA ARG A 202 -13.14 -4.53 20.29
C ARG A 202 -13.81 -3.48 21.19
N PRO A 203 -14.06 -3.76 22.46
CA PRO A 203 -14.95 -2.86 23.22
C PRO A 203 -14.58 -1.38 23.21
N HIS A 204 -13.38 -1.01 22.76
CA HIS A 204 -13.02 0.40 22.73
C HIS A 204 -13.52 1.06 21.45
N ASN A 205 -13.59 0.30 20.36
CA ASN A 205 -14.04 0.82 19.08
C ASN A 205 -15.51 1.23 19.06
N VAL A 206 -16.27 1.07 20.14
CA VAL A 206 -17.63 1.61 20.15
C VAL A 206 -17.55 3.12 20.00
N GLN A 207 -18.42 3.66 19.16
CA GLN A 207 -18.37 5.08 18.81
C GLN A 207 -19.76 5.58 18.46
N PRO A 208 -20.04 6.87 18.66
CA PRO A 208 -21.30 7.46 18.19
C PRO A 208 -21.50 7.29 16.68
N ASN A 209 -22.74 7.01 16.30
CA ASN A 209 -23.16 6.66 14.95
C ASN A 209 -22.68 5.28 14.51
N TRP A 210 -21.90 4.57 15.34
CA TRP A 210 -21.29 3.31 14.96
C TRP A 210 -21.94 2.12 15.67
N ILE A 211 -22.29 1.09 14.90
CA ILE A 211 -22.71 -0.20 15.42
C ILE A 211 -21.49 -1.12 15.39
N THR A 212 -20.90 -1.39 16.55
CA THR A 212 -19.73 -2.25 16.59
C THR A 212 -20.16 -3.71 16.67
N LEU A 213 -19.42 -4.58 15.99
CA LEU A 213 -19.69 -6.01 15.97
C LEU A 213 -18.40 -6.73 16.30
N GLY A 214 -18.25 -7.22 17.53
CA GLY A 214 -17.14 -8.06 17.91
C GLY A 214 -17.63 -9.25 18.71
N ASN A 215 -16.70 -10.13 19.04
CA ASN A 215 -16.98 -11.21 19.97
C ASN A 215 -16.30 -11.02 21.32
N GLN A 216 -15.77 -9.84 21.58
CA GLN A 216 -15.35 -9.45 22.92
C GLN A 216 -16.22 -8.34 23.48
N LEU A 217 -17.16 -7.84 22.69
CA LEU A 217 -18.10 -6.83 23.16
C LEU A 217 -18.89 -7.35 24.35
N ASP A 218 -19.36 -6.42 25.19
CA ASP A 218 -20.01 -6.80 26.44
C ASP A 218 -21.51 -6.91 26.16
N GLY A 219 -21.88 -8.07 25.63
CA GLY A 219 -23.29 -8.31 25.39
C GLY A 219 -23.84 -7.56 24.19
N ILE A 220 -25.04 -6.97 24.33
CA ILE A 220 -25.75 -6.36 23.22
C ILE A 220 -26.42 -5.08 23.68
N HIS A 221 -26.17 -4.00 22.95
CA HIS A 221 -26.70 -2.69 23.30
C HIS A 221 -27.28 -2.06 22.03
N LEU A 222 -28.59 -2.12 21.84
CA LEU A 222 -29.19 -1.64 20.60
C LEU A 222 -30.29 -0.64 20.93
N LEU A 223 -30.25 0.51 20.28
CA LEU A 223 -31.12 1.62 20.60
C LEU A 223 -31.95 2.11 19.42
N ASP A 224 -31.38 2.10 18.22
CA ASP A 224 -32.07 2.31 16.95
C ASP A 224 -33.30 1.40 16.86
N PRO A 225 -34.51 1.97 16.69
CA PRO A 225 -35.72 1.13 16.69
C PRO A 225 -35.77 0.11 15.55
N ASP A 226 -35.65 0.56 14.30
CA ASP A 226 -35.71 -0.35 13.17
C ASP A 226 -34.83 -1.58 13.39
N VAL A 227 -33.64 -1.39 13.96
CA VAL A 227 -32.79 -2.52 14.30
C VAL A 227 -33.36 -3.29 15.48
N VAL A 228 -33.64 -2.59 16.59
CA VAL A 228 -34.22 -3.26 17.76
C VAL A 228 -35.43 -4.06 17.35
N ALA A 229 -36.19 -3.54 16.39
CA ALA A 229 -37.25 -4.27 15.71
C ALA A 229 -36.70 -5.57 15.14
N ARG A 230 -36.10 -5.50 13.95
CA ARG A 230 -35.70 -6.67 13.17
C ARG A 230 -34.90 -7.67 13.99
N PHE A 231 -34.44 -7.23 15.16
CA PHE A 231 -33.68 -8.13 16.01
C PHE A 231 -34.58 -9.12 16.72
N LYS A 232 -35.51 -8.61 17.55
CA LYS A 232 -36.39 -9.51 18.29
C LYS A 232 -37.20 -10.41 17.35
N GLN A 233 -37.57 -9.90 16.17
CA GLN A 233 -38.24 -10.75 15.17
C GLN A 233 -37.32 -11.87 14.70
N ARG A 234 -36.08 -11.52 14.30
CA ARG A 234 -35.10 -12.54 13.92
C ARG A 234 -34.59 -13.33 15.11
N TYR A 235 -34.63 -12.76 16.32
CA TYR A 235 -34.02 -13.39 17.50
C TYR A 235 -34.94 -13.30 18.70
N PRO A 236 -35.77 -14.34 18.92
CA PRO A 236 -36.84 -14.24 19.93
C PRO A 236 -36.33 -14.54 21.33
N ASP A 237 -35.77 -15.74 21.50
CA ASP A 237 -35.07 -16.07 22.74
C ASP A 237 -33.83 -15.19 22.89
N GLY A 238 -33.06 -15.03 21.81
CA GLY A 238 -32.03 -14.02 21.73
C GLY A 238 -30.58 -14.46 21.78
N ILE A 239 -30.24 -15.61 21.17
CA ILE A 239 -28.86 -16.06 21.04
C ILE A 239 -28.58 -16.37 19.58
N ILE A 240 -27.31 -16.24 19.18
CA ILE A 240 -26.91 -16.51 17.79
C ILE A 240 -26.44 -17.94 17.63
N ASN B 12 -2.23 14.31 20.31
CA ASN B 12 -2.31 15.29 19.22
C ASN B 12 -2.74 14.62 17.91
N ASP B 13 -3.82 15.15 17.32
CA ASP B 13 -4.44 14.59 16.12
C ASP B 13 -3.98 15.40 14.89
N TYR B 14 -3.26 14.74 13.99
CA TYR B 14 -2.75 15.40 12.80
C TYR B 14 -3.68 15.33 11.61
N CYS B 15 -4.59 14.36 11.57
CA CYS B 15 -5.62 14.37 10.53
C CYS B 15 -6.50 15.59 10.69
N GLN B 16 -6.88 15.91 11.94
CA GLN B 16 -7.69 17.09 12.20
C GLN B 16 -6.93 18.37 11.89
N HIS B 17 -5.64 18.39 12.24
CA HIS B 17 -4.83 19.58 11.99
C HIS B 17 -4.75 19.89 10.49
N PHE B 18 -4.54 18.85 9.66
CA PHE B 18 -4.48 19.05 8.21
C PHE B 18 -5.77 19.60 7.66
N VAL B 19 -6.91 19.16 8.23
CA VAL B 19 -8.20 19.75 7.85
C VAL B 19 -8.14 21.26 8.02
N ASP B 20 -7.50 21.69 9.10
CA ASP B 20 -7.41 23.10 9.43
C ASP B 20 -6.39 23.80 8.54
N THR B 21 -5.11 23.42 8.66
CA THR B 21 -3.99 24.22 8.18
C THR B 21 -3.55 23.89 6.76
N GLY B 22 -3.61 22.62 6.36
CA GLY B 22 -3.12 22.20 5.08
C GLY B 22 -1.77 21.50 5.13
N HIS B 23 -1.11 21.54 6.28
CA HIS B 23 0.10 20.76 6.48
C HIS B 23 -0.25 19.29 6.67
N ARG B 24 0.35 18.42 5.86
CA ARG B 24 0.00 17.01 5.91
C ARG B 24 0.49 16.37 7.21
N PRO B 25 -0.25 15.37 7.74
CA PRO B 25 0.19 14.66 8.94
C PRO B 25 1.67 14.28 8.95
N GLN B 26 2.22 14.02 7.77
CA GLN B 26 3.61 13.63 7.70
C GLN B 26 4.55 14.82 7.88
N ASN B 27 4.03 16.05 7.76
CA ASN B 27 4.88 17.22 7.88
C ASN B 27 5.46 17.33 9.28
N PHE B 28 5.14 16.39 10.16
CA PHE B 28 5.42 16.53 11.59
C PHE B 28 6.15 15.33 12.17
N ILE B 29 6.74 14.47 11.33
CA ILE B 29 7.61 13.43 11.85
C ILE B 29 9.01 14.01 12.05
N ARG B 30 9.77 13.42 12.96
CA ARG B 30 11.11 13.91 13.25
C ARG B 30 12.12 12.80 13.04
N ASP B 31 13.31 13.20 12.57
CA ASP B 31 14.43 12.29 12.38
C ASP B 31 14.05 11.06 11.53
N LEU B 47 27.62 4.09 12.24
CA LEU B 47 27.95 2.70 12.57
C LEU B 47 27.81 1.81 11.33
N ILE B 48 26.59 1.67 10.80
CA ILE B 48 26.35 0.79 9.66
C ILE B 48 26.90 1.42 8.38
N ARG B 49 27.80 2.40 8.53
CA ARG B 49 28.36 3.12 7.39
C ARG B 49 29.29 2.25 6.55
N LEU B 50 29.79 1.14 7.11
CA LEU B 50 30.77 0.33 6.39
C LEU B 50 30.13 -0.45 5.25
N LYS B 51 28.94 -1.04 5.47
CA LYS B 51 28.29 -1.79 4.40
C LYS B 51 28.11 -0.95 3.14
N ASP B 52 27.81 0.35 3.30
CA ASP B 52 27.86 1.25 2.15
C ASP B 52 29.20 1.16 1.41
N GLU B 53 30.31 1.15 2.16
CA GLU B 53 31.62 1.15 1.50
C GLU B 53 31.85 -0.17 0.76
N LEU B 54 31.40 -1.29 1.36
CA LEU B 54 31.59 -2.59 0.73
C LEU B 54 30.71 -2.72 -0.52
N ILE B 55 29.49 -2.20 -0.47
CA ILE B 55 28.67 -2.06 -1.67
C ILE B 55 29.45 -1.34 -2.76
N ALA B 56 30.09 -0.22 -2.40
CA ALA B 56 30.80 0.58 -3.40
C ALA B 56 31.92 -0.20 -4.08
N LYS B 57 32.72 -0.92 -3.30
CA LYS B 57 33.81 -1.71 -3.88
C LYS B 57 33.29 -2.70 -4.90
N SER B 58 32.25 -3.46 -4.54
CA SER B 58 31.68 -4.48 -5.41
C SER B 58 30.80 -3.91 -6.52
N ASN B 59 30.56 -2.60 -6.53
CA ASN B 59 29.74 -2.01 -7.59
C ASN B 59 30.49 -2.01 -8.89
N THR B 60 29.90 -2.67 -9.90
CA THR B 60 30.33 -2.61 -11.30
C THR B 60 30.37 -1.16 -11.75
N PRO B 61 31.04 -0.88 -12.85
CA PRO B 61 30.86 0.42 -13.50
C PRO B 61 29.39 0.67 -13.77
N PRO B 62 28.98 1.91 -13.84
CA PRO B 62 27.66 2.22 -14.38
C PRO B 62 27.62 1.94 -15.88
N MET B 63 26.54 1.29 -16.31
CA MET B 63 26.26 1.11 -17.72
C MET B 63 24.82 1.49 -18.02
N TYR B 64 24.61 2.00 -19.21
CA TYR B 64 23.39 2.75 -19.46
C TYR B 64 23.12 2.65 -20.95
N LEU B 65 21.98 2.08 -21.31
CA LEU B 65 21.65 1.87 -22.71
C LEU B 65 20.34 2.57 -23.01
N GLN B 66 20.35 3.43 -24.02
CA GLN B 66 19.14 4.05 -24.53
C GLN B 66 18.32 3.01 -25.29
N ALA B 67 17.00 3.07 -25.11
CA ALA B 67 16.10 2.09 -25.73
C ALA B 67 14.63 2.52 -25.67
N ASP B 68 13.93 2.48 -26.80
CA ASP B 68 12.51 2.82 -26.84
C ASP B 68 11.72 1.56 -26.48
N ILE B 69 11.55 1.36 -25.18
CA ILE B 69 11.42 0.02 -24.61
C ILE B 69 10.16 -0.68 -25.10
N GLU B 70 9.15 0.09 -25.49
CA GLU B 70 8.00 -0.49 -26.18
C GLU B 70 8.49 -1.45 -27.27
N ALA B 71 9.13 -0.87 -28.29
CA ALA B 71 9.66 -1.59 -29.45
C ALA B 71 11.03 -2.18 -29.21
N PHE B 72 11.28 -2.78 -28.05
CA PHE B 72 12.59 -3.33 -27.73
C PHE B 72 12.41 -4.74 -27.20
N ASP B 73 13.21 -5.68 -27.73
CA ASP B 73 13.08 -7.06 -27.27
C ASP B 73 13.92 -7.22 -26.01
N ILE B 74 13.25 -7.46 -24.88
CA ILE B 74 13.93 -7.52 -23.59
C ILE B 74 15.00 -8.60 -23.62
N ARG B 75 14.75 -9.69 -24.34
CA ARG B 75 15.70 -10.80 -24.38
C ARG B 75 17.13 -10.33 -24.69
N GLU B 76 17.26 -9.26 -25.49
CA GLU B 76 18.58 -8.71 -25.80
C GLU B 76 19.34 -8.32 -24.53
N LEU B 77 18.61 -7.96 -23.47
CA LEU B 77 19.26 -7.63 -22.21
C LEU B 77 19.68 -8.89 -21.49
N THR B 78 20.99 -9.06 -21.32
CA THR B 78 21.60 -10.28 -20.81
C THR B 78 22.91 -9.93 -20.11
N PRO B 79 23.30 -10.69 -19.06
CA PRO B 79 22.67 -11.89 -18.49
C PRO B 79 21.40 -11.60 -17.71
N LYS B 80 20.97 -12.61 -16.94
CA LYS B 80 19.71 -12.57 -16.21
C LYS B 80 19.93 -11.88 -14.88
N PHE B 81 18.97 -11.07 -14.46
CA PHE B 81 19.22 -10.04 -13.44
C PHE B 81 18.88 -10.52 -12.04
N ASP B 82 19.64 -10.03 -11.06
CA ASP B 82 19.35 -10.33 -9.67
C ASP B 82 18.37 -9.33 -9.07
N VAL B 83 18.30 -8.10 -9.60
CA VAL B 83 17.33 -7.10 -9.16
C VAL B 83 16.86 -6.25 -10.34
N ILE B 84 15.56 -6.02 -10.43
CA ILE B 84 14.99 -5.21 -11.49
C ILE B 84 14.13 -4.10 -10.88
N LEU B 85 14.56 -2.86 -11.04
CA LEU B 85 13.82 -1.70 -10.57
C LEU B 85 13.10 -1.09 -11.76
N LEU B 86 11.79 -1.16 -11.72
CA LEU B 86 10.94 -0.76 -12.84
C LEU B 86 10.18 0.51 -12.47
N GLU B 87 10.29 1.53 -13.32
CA GLU B 87 9.86 2.89 -13.01
C GLU B 87 9.19 3.51 -14.23
N PRO B 88 7.99 3.04 -14.57
CA PRO B 88 7.39 3.38 -15.86
C PRO B 88 6.69 4.72 -15.78
N PRO B 89 6.74 5.53 -16.82
CA PRO B 89 6.07 6.83 -16.78
C PRO B 89 4.55 6.71 -16.71
N LEU B 90 4.00 6.67 -15.50
CA LEU B 90 2.56 6.56 -15.41
C LEU B 90 1.93 7.86 -15.89
N GLU B 91 0.79 7.73 -16.59
CA GLU B 91 0.02 8.91 -16.96
C GLU B 91 -0.19 9.80 -15.74
N GLU B 92 -0.48 9.20 -14.58
CA GLU B 92 -0.80 9.97 -13.40
C GLU B 92 0.37 10.84 -12.93
N TYR B 93 1.58 10.67 -13.47
CA TYR B 93 2.68 11.53 -13.07
C TYR B 93 2.61 12.93 -13.68
N TYR B 94 1.67 13.17 -14.60
CA TYR B 94 1.61 14.42 -15.34
C TYR B 94 0.22 15.05 -15.15
N ARG B 95 0.16 16.09 -14.31
CA ARG B 95 -1.05 16.88 -14.12
C ARG B 95 -0.71 18.37 -13.89
N LYS B 104 5.90 10.35 -23.77
CA LYS B 104 5.07 9.16 -23.96
C LYS B 104 4.77 8.47 -22.62
N CYS B 105 3.51 8.44 -22.19
CA CYS B 105 3.13 7.75 -20.97
C CYS B 105 2.95 6.25 -21.23
N TRP B 106 3.03 5.46 -20.16
CA TRP B 106 2.80 4.01 -20.23
C TRP B 106 1.58 3.65 -19.40
N THR B 107 0.57 3.04 -20.04
CA THR B 107 -0.56 2.55 -19.26
C THR B 107 -0.17 1.25 -18.58
N TRP B 108 -0.97 0.85 -17.59
CA TRP B 108 -0.74 -0.47 -17.02
C TRP B 108 -1.02 -1.53 -18.05
N ASP B 109 -1.96 -1.27 -18.96
CA ASP B 109 -2.07 -2.08 -20.17
C ASP B 109 -0.72 -2.21 -20.82
N ASP B 110 -0.03 -1.09 -21.02
CA ASP B 110 1.30 -1.14 -21.61
C ASP B 110 2.26 -1.95 -20.75
N ILE B 111 2.27 -1.69 -19.45
CA ILE B 111 3.30 -2.26 -18.60
C ILE B 111 3.14 -3.77 -18.53
N MET B 112 1.96 -4.22 -18.12
CA MET B 112 1.62 -5.62 -17.89
C MET B 112 1.89 -6.51 -19.11
N LYS B 113 2.44 -5.95 -20.17
CA LYS B 113 2.78 -6.71 -21.36
C LYS B 113 4.28 -6.69 -21.63
N LEU B 114 5.07 -6.33 -20.62
CA LEU B 114 6.52 -6.52 -20.69
C LEU B 114 6.87 -7.97 -20.39
N GLU B 115 7.99 -8.41 -20.92
CA GLU B 115 8.40 -9.81 -20.75
C GLU B 115 9.36 -9.96 -19.60
N ILE B 116 9.01 -9.33 -18.48
CA ILE B 116 9.95 -9.18 -17.36
C ILE B 116 10.47 -10.54 -16.89
N ASP B 117 9.63 -11.58 -16.93
CA ASP B 117 10.11 -12.89 -16.49
C ASP B 117 11.27 -13.36 -17.35
N GLU B 118 11.23 -13.05 -18.64
CA GLU B 118 12.25 -13.56 -19.53
C GLU B 118 13.65 -13.14 -19.11
N ILE B 119 13.79 -11.97 -18.46
CA ILE B 119 15.11 -11.44 -18.14
C ILE B 119 15.43 -11.47 -16.66
N ALA B 120 14.51 -11.95 -15.81
CA ALA B 120 14.78 -12.10 -14.39
C ALA B 120 15.62 -13.34 -14.15
N ALA B 121 16.14 -13.47 -12.96
CA ALA B 121 16.88 -14.69 -12.69
C ALA B 121 16.08 -15.61 -11.79
N PRO B 122 16.34 -16.94 -11.86
CA PRO B 122 15.59 -17.92 -11.07
C PRO B 122 15.20 -17.52 -9.66
N ARG B 123 16.17 -17.20 -8.81
CA ARG B 123 15.92 -16.40 -7.63
C ARG B 123 16.39 -14.99 -7.94
N SER B 124 15.50 -14.02 -7.74
CA SER B 124 15.76 -12.62 -8.07
C SER B 124 14.65 -11.78 -7.45
N PHE B 125 14.77 -10.46 -7.55
CA PHE B 125 13.83 -9.53 -6.90
C PHE B 125 13.36 -8.46 -7.90
N ILE B 126 12.47 -7.59 -7.42
CA ILE B 126 11.84 -6.58 -8.25
C ILE B 126 11.24 -5.49 -7.37
N PHE B 127 11.39 -4.25 -7.81
CA PHE B 127 10.79 -3.10 -7.14
C PHE B 127 10.05 -2.28 -8.19
N LEU B 128 8.75 -2.12 -7.99
CA LEU B 128 7.87 -1.55 -9.00
C LEU B 128 7.17 -0.32 -8.44
N TRP B 129 7.44 0.83 -9.03
CA TRP B 129 6.76 2.05 -8.61
C TRP B 129 5.35 2.01 -9.18
N CYS B 130 4.36 2.10 -8.31
CA CYS B 130 2.96 1.98 -8.72
C CYS B 130 2.17 3.26 -8.59
N GLY B 131 2.76 4.30 -7.98
CA GLY B 131 2.00 5.51 -7.74
C GLY B 131 1.02 5.30 -6.61
N SER B 132 -0.17 5.87 -6.73
CA SER B 132 -1.22 5.65 -5.73
C SER B 132 -2.55 5.25 -6.36
N GLY B 133 -2.63 5.18 -7.68
CA GLY B 133 -3.91 4.87 -8.28
C GLY B 133 -4.13 3.40 -8.50
N GLU B 134 -4.51 3.06 -9.73
CA GLU B 134 -4.77 1.67 -10.08
C GLU B 134 -3.55 0.81 -9.93
N GLY B 135 -2.36 1.40 -10.04
CA GLY B 135 -1.12 0.63 -9.93
C GLY B 135 -1.03 -0.13 -8.62
N LEU B 136 -1.57 0.44 -7.55
CA LEU B 136 -1.66 -0.25 -6.28
C LEU B 136 -2.23 -1.64 -6.46
N ASP B 137 -3.03 -1.84 -7.51
CA ASP B 137 -3.65 -3.11 -7.83
C ASP B 137 -3.10 -3.73 -9.10
N LEU B 138 -3.11 -3.00 -10.20
CA LEU B 138 -2.54 -3.52 -11.45
C LEU B 138 -1.09 -3.91 -11.30
N GLY B 139 -0.36 -3.21 -10.43
CA GLY B 139 1.04 -3.56 -10.20
C GLY B 139 1.21 -4.89 -9.50
N ARG B 140 0.30 -5.22 -8.57
CA ARG B 140 0.34 -6.54 -7.97
C ARG B 140 0.01 -7.61 -9.00
N VAL B 141 -0.91 -7.31 -9.91
CA VAL B 141 -1.17 -8.22 -11.01
C VAL B 141 0.12 -8.50 -11.76
N CYS B 142 0.75 -7.43 -12.27
CA CYS B 142 2.03 -7.54 -12.98
C CYS B 142 2.95 -8.49 -12.26
N LEU B 143 3.17 -8.22 -10.97
CA LEU B 143 4.12 -9.00 -10.20
C LEU B 143 3.75 -10.48 -10.27
N ARG B 144 2.46 -10.77 -10.11
CA ARG B 144 2.06 -12.16 -10.20
C ARG B 144 2.25 -12.69 -11.61
N LYS B 145 2.06 -11.82 -12.61
CA LYS B 145 2.13 -12.25 -14.01
C LYS B 145 3.52 -12.74 -14.35
N TRP B 146 4.52 -11.89 -14.16
CA TRP B 146 5.93 -12.21 -14.33
C TRP B 146 6.42 -13.22 -13.30
N GLY B 147 5.55 -13.61 -12.38
CA GLY B 147 5.84 -14.71 -11.49
C GLY B 147 6.52 -14.31 -10.19
N TYR B 148 6.25 -13.12 -9.68
CA TYR B 148 6.73 -12.78 -8.36
C TYR B 148 5.59 -12.85 -7.35
N ARG B 149 5.97 -12.98 -6.09
CA ARG B 149 5.05 -12.84 -4.96
C ARG B 149 5.56 -11.71 -4.09
N ARG B 150 4.66 -10.87 -3.60
CA ARG B 150 5.11 -9.71 -2.87
C ARG B 150 5.63 -10.09 -1.48
N CYS B 151 6.64 -9.39 -1.02
CA CYS B 151 7.06 -9.53 0.36
C CYS B 151 7.15 -8.19 1.09
N GLU B 152 7.07 -7.07 0.38
CA GLU B 152 7.23 -5.76 1.00
C GLU B 152 6.41 -4.72 0.25
N ASP B 153 5.91 -3.74 1.00
CA ASP B 153 5.18 -2.59 0.44
C ASP B 153 5.89 -1.34 0.97
N ILE B 154 6.85 -0.86 0.19
CA ILE B 154 7.65 0.31 0.53
C ILE B 154 6.90 1.53 0.06
N CYS B 155 6.58 2.43 0.99
CA CYS B 155 5.63 3.52 0.76
C CYS B 155 6.35 4.85 0.90
N TRP B 156 6.40 5.63 -0.19
CA TRP B 156 7.05 6.95 -0.21
C TRP B 156 6.07 8.00 0.30
N ILE B 157 6.45 8.71 1.36
CA ILE B 157 5.57 9.69 2.00
C ILE B 157 6.02 11.10 1.60
N LYS B 158 5.13 11.86 0.98
CA LYS B 158 5.45 13.19 0.44
C LYS B 158 4.97 14.27 1.40
N THR B 159 5.90 15.05 1.94
CA THR B 159 5.54 16.18 2.82
C THR B 159 5.35 17.47 2.02
N ASN B 160 4.41 18.31 2.48
CA ASN B 160 4.15 19.61 1.88
C ASN B 160 4.46 20.72 2.88
N LYS B 161 5.57 20.53 3.60
CA LYS B 161 6.03 21.53 4.57
C LYS B 161 6.18 22.89 3.91
N ASN B 162 6.81 22.92 2.73
CA ASN B 162 7.14 24.17 2.07
C ASN B 162 6.06 24.63 1.11
N ASN B 163 4.82 24.14 1.25
CA ASN B 163 3.70 24.65 0.46
C ASN B 163 2.41 23.99 0.92
N PRO B 164 1.90 24.34 2.13
CA PRO B 164 0.58 23.86 2.53
C PRO B 164 -0.51 24.47 1.66
N LEU B 170 -6.60 15.78 -8.11
CA LEU B 170 -7.44 14.79 -7.43
C LEU B 170 -8.21 13.94 -8.44
N ASP B 171 -7.94 12.63 -8.43
CA ASP B 171 -8.72 11.66 -9.18
C ASP B 171 -10.21 11.80 -8.86
N PRO B 172 -11.08 11.90 -9.88
CA PRO B 172 -12.52 11.72 -9.62
C PRO B 172 -12.79 10.49 -8.79
N LYS B 173 -12.17 9.36 -9.16
CA LYS B 173 -12.27 8.10 -8.42
C LYS B 173 -11.53 8.12 -7.09
N ALA B 174 -11.00 9.25 -6.64
CA ALA B 174 -10.34 9.27 -5.34
C ALA B 174 -11.29 9.69 -4.24
N VAL B 175 -10.86 9.46 -3.00
CA VAL B 175 -11.64 9.73 -1.81
C VAL B 175 -10.84 10.61 -0.86
N PHE B 176 -9.53 10.44 -0.85
CA PHE B 176 -8.69 11.28 -0.04
C PHE B 176 -7.64 11.96 -0.90
N GLN B 177 -7.05 13.00 -0.34
CA GLN B 177 -5.89 13.59 -0.97
C GLN B 177 -4.77 12.59 -0.96
N ARG B 178 -4.30 12.22 -2.16
CA ARG B 178 -3.20 11.28 -2.24
C ARG B 178 -1.87 12.00 -2.07
N THR B 179 -1.04 11.47 -1.17
CA THR B 179 0.18 12.16 -0.76
C THR B 179 1.35 11.18 -0.64
N LYS B 180 1.24 10.02 -1.26
CA LYS B 180 2.22 8.96 -1.14
C LYS B 180 2.25 8.15 -2.43
N GLU B 181 3.37 7.49 -2.68
CA GLU B 181 3.47 6.53 -3.76
C GLU B 181 3.93 5.19 -3.19
N HIS B 182 3.67 4.11 -3.92
CA HIS B 182 4.06 2.79 -3.48
C HIS B 182 5.06 2.17 -4.44
N CYS B 183 6.13 1.64 -3.87
CA CYS B 183 7.10 0.89 -4.62
C CYS B 183 7.01 -0.52 -4.05
N LEU B 184 6.29 -1.39 -4.74
CA LEU B 184 6.10 -2.75 -4.28
C LEU B 184 7.35 -3.58 -4.51
N MET B 185 7.61 -4.53 -3.62
CA MET B 185 8.81 -5.36 -3.70
C MET B 185 8.44 -6.83 -3.71
N GLY B 186 8.85 -7.52 -4.77
CA GLY B 186 8.51 -8.91 -4.95
C GLY B 186 9.74 -9.78 -5.13
N ILE B 187 9.57 -11.05 -4.79
CA ILE B 187 10.62 -12.06 -4.81
C ILE B 187 10.14 -13.22 -5.69
N LYS B 188 11.10 -14.06 -6.10
CA LYS B 188 10.84 -15.29 -6.87
C LYS B 188 11.95 -16.29 -6.61
N GLY B 189 11.60 -17.46 -6.07
CA GLY B 189 12.59 -18.48 -5.73
C GLY B 189 13.12 -18.48 -4.28
N THR B 190 14.32 -19.03 -4.08
CA THR B 190 14.94 -19.01 -2.76
N VAL B 204 17.81 -3.86 8.76
CA VAL B 204 17.93 -2.55 9.39
C VAL B 204 17.10 -1.42 8.69
N ASP B 205 16.69 -1.62 7.42
CA ASP B 205 15.87 -0.64 6.71
C ASP B 205 14.37 -0.82 7.02
N ILE B 206 13.63 0.27 6.78
CA ILE B 206 12.19 0.34 7.05
C ILE B 206 11.45 0.47 5.72
N ASP B 207 10.11 0.34 5.77
CA ASP B 207 9.29 0.43 4.56
C ASP B 207 8.69 1.81 4.36
N LEU B 208 9.40 2.86 4.75
CA LEU B 208 8.95 4.23 4.62
C LEU B 208 10.07 5.10 4.08
N ILE B 209 9.73 6.02 3.19
CA ILE B 209 10.64 7.03 2.69
C ILE B 209 9.90 8.35 2.72
N ILE B 210 10.35 9.28 3.55
CA ILE B 210 9.68 10.55 3.77
C ILE B 210 10.55 11.65 3.16
N THR B 211 10.02 12.38 2.16
CA THR B 211 10.67 13.57 1.59
C THR B 211 9.60 14.59 1.21
N GLU B 212 10.02 15.83 0.96
CA GLU B 212 9.09 16.84 0.50
C GLU B 212 8.66 16.56 -0.93
N GLU B 213 7.37 16.68 -1.20
CA GLU B 213 6.85 16.39 -2.53
C GLU B 213 7.62 17.20 -3.56
N PRO B 214 8.03 16.59 -4.68
CA PRO B 214 8.84 17.33 -5.65
C PRO B 214 8.03 18.38 -6.39
N GLU B 215 8.75 19.40 -6.86
CA GLU B 215 8.19 20.48 -7.66
C GLU B 215 7.37 19.93 -8.83
N ILE B 216 6.20 20.53 -9.06
CA ILE B 216 5.25 19.94 -9.99
C ILE B 216 5.95 19.65 -11.32
N GLY B 217 5.60 18.50 -11.91
CA GLY B 217 6.26 18.04 -13.11
C GLY B 217 7.62 17.41 -12.89
N ASN B 218 8.21 17.56 -11.72
CA ASN B 218 9.34 16.70 -11.37
C ASN B 218 8.80 15.33 -11.09
N ILE B 219 9.45 14.32 -11.64
CA ILE B 219 8.95 12.95 -11.55
C ILE B 219 9.94 12.01 -10.88
N GLU B 220 11.19 12.42 -10.72
CA GLU B 220 12.22 11.55 -10.17
C GLU B 220 11.77 10.83 -8.89
N LYS B 221 12.19 9.58 -8.75
CA LYS B 221 11.81 9.01 -7.46
C LYS B 221 12.91 9.27 -6.43
N PRO B 222 12.52 9.50 -5.19
CA PRO B 222 13.52 9.65 -4.11
C PRO B 222 14.58 8.58 -4.16
N VAL B 223 15.83 9.03 -4.22
CA VAL B 223 17.00 8.17 -4.41
C VAL B 223 17.17 7.13 -3.30
N GLU B 224 16.66 7.43 -2.09
CA GLU B 224 16.77 6.51 -0.96
C GLU B 224 16.34 5.10 -1.32
N ILE B 225 15.39 4.96 -2.23
CA ILE B 225 15.02 3.67 -2.79
C ILE B 225 16.29 2.89 -3.15
N PHE B 226 17.27 3.56 -3.75
CA PHE B 226 18.50 2.86 -4.06
C PHE B 226 19.18 2.37 -2.80
N HIS B 227 19.22 3.19 -1.76
CA HIS B 227 19.89 2.78 -0.54
C HIS B 227 19.19 1.60 0.11
N ILE B 228 17.86 1.58 0.03
CA ILE B 228 17.10 0.45 0.55
C ILE B 228 17.38 -0.81 -0.27
N ILE B 229 17.39 -0.67 -1.59
CA ILE B 229 17.62 -1.81 -2.46
C ILE B 229 19.03 -2.36 -2.25
N GLU B 230 20.01 -1.46 -2.23
CA GLU B 230 21.40 -1.88 -2.14
C GLU B 230 21.76 -2.43 -0.77
N HIS B 231 21.14 -1.92 0.30
CA HIS B 231 21.42 -2.47 1.62
C HIS B 231 20.86 -3.89 1.84
N PHE B 232 20.12 -4.44 0.86
CA PHE B 232 19.63 -5.80 0.93
C PHE B 232 20.68 -6.84 0.52
N CYS B 233 21.64 -6.47 -0.32
CA CYS B 233 22.69 -7.39 -0.78
C CYS B 233 22.09 -8.60 -1.51
N LEU B 234 21.48 -8.33 -2.66
CA LEU B 234 20.76 -9.36 -3.39
C LEU B 234 21.45 -9.75 -4.70
N GLY B 235 22.72 -9.42 -4.86
CA GLY B 235 23.45 -9.68 -6.08
C GLY B 235 23.85 -8.40 -6.78
N ARG B 236 24.51 -8.58 -7.91
CA ARG B 236 25.14 -7.44 -8.54
C ARG B 236 24.60 -7.13 -9.92
N ARG B 237 23.93 -8.07 -10.58
CA ARG B 237 23.30 -7.72 -11.85
C ARG B 237 22.02 -6.98 -11.53
N ARG B 238 22.09 -5.65 -11.57
CA ARG B 238 20.96 -4.79 -11.25
C ARG B 238 20.53 -3.98 -12.48
N LEU B 239 19.23 -3.79 -12.63
CA LEU B 239 18.63 -3.27 -13.86
C LEU B 239 17.58 -2.25 -13.49
N HIS B 240 17.67 -1.05 -14.03
CA HIS B 240 16.68 -0.01 -13.74
C HIS B 240 16.02 0.36 -15.05
N LEU B 241 14.91 -0.32 -15.33
CA LEU B 241 14.16 -0.03 -16.53
C LEU B 241 13.48 1.32 -16.41
N PHE B 242 13.40 2.01 -17.55
CA PHE B 242 12.88 3.37 -17.62
C PHE B 242 13.63 4.32 -16.70
N GLY B 243 14.93 4.13 -16.57
CA GLY B 243 15.74 5.14 -15.92
C GLY B 243 15.96 6.30 -16.85
N ARG B 244 16.66 7.31 -16.32
CA ARG B 244 17.03 8.46 -17.12
C ARG B 244 18.46 8.82 -16.77
N ASP B 245 19.15 9.47 -17.73
CA ASP B 245 20.45 10.12 -17.54
C ASP B 245 20.72 10.44 -16.08
N SER B 246 19.72 11.05 -15.46
CA SER B 246 19.82 11.56 -14.10
C SER B 246 19.97 10.45 -13.06
N THR B 247 19.51 9.25 -13.35
CA THR B 247 19.55 8.21 -12.32
C THR B 247 20.71 7.24 -12.51
N ILE B 248 21.51 7.38 -13.57
CA ILE B 248 22.60 6.45 -13.80
C ILE B 248 23.43 6.37 -12.51
N ARG B 249 24.00 5.21 -12.23
CA ARG B 249 24.52 5.04 -10.88
C ARG B 249 25.48 3.85 -10.88
N PRO B 250 26.54 3.89 -10.07
CA PRO B 250 27.43 2.73 -10.00
C PRO B 250 26.67 1.52 -9.49
N GLY B 251 27.07 0.35 -9.95
CA GLY B 251 26.38 -0.86 -9.60
C GLY B 251 25.13 -1.16 -10.41
N TRP B 252 24.71 -0.27 -11.29
CA TRP B 252 23.42 -0.42 -11.95
C TRP B 252 23.55 -0.37 -13.46
N LEU B 253 22.63 -1.06 -14.14
CA LEU B 253 22.46 -1.00 -15.59
C LEU B 253 21.16 -0.26 -15.89
N THR B 254 21.27 1.01 -16.20
CA THR B 254 20.10 1.80 -16.56
C THR B 254 19.72 1.51 -18.01
N VAL B 255 18.41 1.46 -18.28
CA VAL B 255 17.89 1.24 -19.63
C VAL B 255 16.61 2.05 -19.81
N GLY B 256 16.60 2.95 -20.81
CA GLY B 256 15.47 3.83 -20.95
C GLY B 256 15.38 4.62 -22.25
N PRO B 257 14.19 5.19 -22.48
CA PRO B 257 13.91 5.90 -23.73
C PRO B 257 14.39 7.34 -23.78
N THR B 258 14.96 7.89 -22.73
CA THR B 258 15.55 9.22 -22.86
C THR B 258 17.05 9.27 -22.65
N LEU B 259 17.71 8.19 -22.22
CA LEU B 259 19.15 8.24 -22.06
C LEU B 259 19.79 8.88 -23.28
N THR B 260 20.58 9.91 -23.03
CA THR B 260 21.21 10.64 -24.11
C THR B 260 22.53 10.03 -24.55
N ASN B 261 23.07 9.07 -23.79
CA ASN B 261 24.29 8.36 -24.18
C ASN B 261 24.18 6.91 -23.78
N SER B 262 24.91 6.06 -24.49
CA SER B 262 24.87 4.63 -24.28
C SER B 262 26.29 4.08 -24.17
N ASN B 263 26.46 3.06 -23.34
CA ASN B 263 27.75 2.41 -23.25
C ASN B 263 27.57 0.91 -23.08
N TYR B 264 26.34 0.42 -23.14
CA TYR B 264 26.07 -0.96 -22.80
C TYR B 264 26.62 -1.89 -23.86
N ASN B 265 27.14 -3.03 -23.41
CA ASN B 265 27.73 -4.03 -24.28
C ASN B 265 27.57 -5.37 -23.59
N ALA B 266 26.44 -6.03 -23.85
CA ALA B 266 26.07 -7.33 -23.31
C ALA B 266 27.25 -8.16 -22.84
N GLU B 267 28.33 -8.18 -23.64
CA GLU B 267 29.50 -9.02 -23.36
C GLU B 267 30.37 -8.39 -22.28
N THR B 268 30.94 -7.22 -22.57
CA THR B 268 31.47 -6.29 -21.57
C THR B 268 30.76 -6.36 -20.22
N TYR B 269 29.43 -6.32 -20.24
CA TYR B 269 28.66 -6.41 -19.00
C TYR B 269 28.86 -7.76 -18.31
N ALA B 270 28.55 -8.84 -19.01
CA ALA B 270 28.65 -10.17 -18.41
C ALA B 270 30.01 -10.40 -17.76
N SER B 271 31.05 -9.78 -18.30
CA SER B 271 32.40 -10.03 -17.82
C SER B 271 32.56 -9.62 -16.37
N TYR B 272 31.85 -8.57 -15.93
CA TYR B 272 31.93 -8.14 -14.54
C TYR B 272 31.52 -9.23 -13.57
N PHE B 273 30.72 -10.20 -14.03
CA PHE B 273 30.22 -11.30 -13.24
C PHE B 273 30.81 -12.65 -13.70
N SER B 274 31.76 -12.61 -14.63
CA SER B 274 32.51 -13.81 -14.94
C SER B 274 33.11 -14.38 -13.66
N ALA B 275 33.11 -15.70 -13.55
CA ALA B 275 33.76 -16.34 -12.42
C ALA B 275 35.18 -15.76 -12.26
N PRO B 276 35.63 -15.46 -11.03
CA PRO B 276 35.05 -15.72 -9.71
C PRO B 276 34.26 -14.57 -9.08
N ASN B 277 33.17 -14.13 -9.72
CA ASN B 277 32.32 -13.09 -9.14
C ASN B 277 30.84 -13.41 -9.32
N SER B 278 30.51 -14.63 -9.78
CA SER B 278 29.14 -14.94 -10.22
C SER B 278 28.12 -14.60 -9.15
N TYR B 279 28.27 -15.19 -7.98
CA TYR B 279 27.26 -15.15 -6.93
C TYR B 279 27.59 -14.14 -5.82
N LEU B 280 28.46 -13.15 -6.08
CA LEU B 280 28.65 -12.09 -5.12
C LEU B 280 27.31 -11.47 -4.71
N THR B 281 27.01 -11.53 -3.40
CA THR B 281 25.95 -10.70 -2.85
C THR B 281 26.20 -9.24 -3.13
N GLY B 282 27.43 -8.87 -3.53
CA GLY B 282 27.76 -7.50 -3.83
C GLY B 282 27.94 -6.62 -2.62
N CYS B 283 27.92 -7.19 -1.41
CA CYS B 283 28.23 -6.49 -0.17
C CYS B 283 29.57 -6.94 0.40
N THR B 284 30.35 -7.70 -0.35
CA THR B 284 31.55 -8.33 0.17
C THR B 284 32.79 -7.90 -0.63
C10 0BA C . -7.58 -7.58 14.09
C13 0BA C . -8.10 -8.05 16.68
C17 0BA C . -12.20 -9.72 18.39
C20 0BA C . -11.53 -12.20 16.97
C21 0BA C . -12.46 -9.88 16.89
C28 0BA C . -14.22 -13.21 15.69
C01 0BA C . -3.97 -4.07 9.86
C02 0BA C . -4.99 -4.99 10.64
C03 0BA C . -4.97 -6.34 9.87
C04 0BA C . -4.48 -5.20 12.09
C06 0BA C . -5.06 -6.90 13.30
C07 0BA C . -6.10 -7.33 14.43
C08 0BA C . -5.60 -7.43 15.93
C09 0BA C . -6.61 -7.80 17.06
C11 0BA C . -8.56 -7.93 15.23
C14 0BA C . -9.19 -8.38 17.72
C16 0BA C . -11.54 -8.32 18.57
C18 0BA C . -11.37 -10.78 18.97
C19 0BA C . -11.51 -12.15 18.48
C23 0BA C . -14.04 -11.82 16.26
C25 0BA C . -16.52 -11.46 16.25
C27 0BA C . -15.48 -13.69 15.46
C29 0BA C . -13.32 -14.21 15.37
C30 0BA C . -14.04 -15.30 14.91
C34 0BA C . -5.27 -4.87 13.88
C35 0BA C . -4.69 -4.04 12.89
C36 0BA C . -5.18 -2.63 13.25
C37 0BA C . -3.78 -2.11 12.94
C38 0BA C . -3.25 -3.54 13.09
N05 0BA C . -5.41 -5.91 12.91
N15 0BA C . -10.58 -7.99 17.48
N22 0BA C . -12.70 -11.33 16.49
N24 0BA C . -15.17 -10.96 16.52
N26 0BA C . -16.69 -12.81 15.72
N31 0BA C . -15.37 -14.99 14.98
O12 0BA C . -9.92 -8.15 15.01
O32 0BA C . -13.48 -9.66 19.10
O33 0BA C . -8.90 -8.93 18.72
C ACT D . 1.39 -11.29 -4.75
O ACT D . 2.20 -11.87 -3.95
OXT ACT D . 0.19 -11.56 -4.99
CH3 ACT D . 1.96 -10.08 -5.56
#